data_4L70
#
_entry.id   4L70
#
_cell.length_a   55.061
_cell.length_b   57.007
_cell.length_c   56.686
_cell.angle_alpha   90.00
_cell.angle_beta   112.39
_cell.angle_gamma   90.00
#
_symmetry.space_group_name_H-M   'P 1 21 1'
#
loop_
_entity.id
_entity.type
_entity.pdbx_description
1 polymer 'Poly [ADP-ribose] polymerase 3'
2 non-polymer 3-(4-oxo-3,4-dihydroquinazolin-2-yl)-N-[(1S)-1-phenylpropyl]propanamide
3 non-polymer 'DIMETHYL SULFOXIDE'
4 water water
#
_entity_poly.entity_id   1
_entity_poly.type   'polypeptide(L)'
_entity_poly.pdbx_seq_one_letter_code
;SMKRVQPCSLDPATQKLITNIFSKEMFKNTMALMDLDVKKMPLGKLSKQQIARGFEALEALEEALKGPTDGGQSLEELSS
HFYTVIPHNFGHSQPPPINSPELLQAKKDMLLVLADIELAQALQAVSEQEKTVEEVPHPLDRDYQLLKCQLQLLDSGAPE
YKVIQTYLEQTGSNHRCPTLQHIWKVNQEGEEDRFQAHSKLGNRKLLWHGTNMAVVAAILTSGLRIMPHSGGRVGKGIYF
ASENSKSAGYVIGMKCGAHHVGYMFLGEVALGREHHINTDNPSLKSPPPGFDSVIARGHTEPDPTQDTELELDGQQVVVP
QGQPVPCPEFSSSTFSQSEYLIYQESQCRLRYLLEVH
;
_entity_poly.pdbx_strand_id   A
#
# COMPACT_ATOMS: atom_id res chain seq x y z
N SER A 1 -16.64 -13.47 -35.76
CA SER A 1 -17.46 -14.56 -35.10
C SER A 1 -16.81 -14.87 -33.75
N MET A 2 -17.09 -16.04 -33.19
CA MET A 2 -16.76 -16.25 -31.79
C MET A 2 -15.31 -16.56 -31.44
N LYS A 3 -14.74 -15.81 -30.50
CA LYS A 3 -13.35 -15.94 -30.17
C LYS A 3 -13.21 -17.14 -29.24
N ARG A 4 -12.09 -17.83 -29.34
CA ARG A 4 -11.75 -18.87 -28.38
C ARG A 4 -11.20 -18.21 -27.13
N VAL A 5 -11.62 -18.72 -25.97
CA VAL A 5 -11.01 -18.36 -24.66
C VAL A 5 -10.05 -19.44 -24.28
N GLN A 6 -8.78 -19.07 -24.17
CA GLN A 6 -7.78 -20.07 -23.96
C GLN A 6 -7.82 -20.47 -22.50
N PRO A 7 -7.34 -21.67 -22.18
CA PRO A 7 -7.39 -22.10 -20.79
C PRO A 7 -6.44 -21.32 -19.86
N CYS A 8 -6.84 -21.17 -18.61
CA CYS A 8 -6.07 -20.40 -17.66
C CYS A 8 -4.74 -21.08 -17.33
N SER A 9 -3.66 -20.34 -17.32
CA SER A 9 -2.33 -20.88 -16.98
C SER A 9 -2.04 -20.85 -15.47
N LEU A 10 -2.89 -20.19 -14.68
CA LEU A 10 -2.51 -19.85 -13.29
C LEU A 10 -2.91 -20.92 -12.29
N ASP A 11 -2.05 -21.13 -11.29
CA ASP A 11 -2.37 -22.02 -10.17
C ASP A 11 -3.58 -21.43 -9.39
N PRO A 12 -4.28 -22.23 -8.56
CA PRO A 12 -5.52 -21.79 -7.86
C PRO A 12 -5.31 -20.57 -6.96
N ALA A 13 -4.19 -20.53 -6.27
CA ALA A 13 -3.90 -19.44 -5.33
C ALA A 13 -3.80 -18.14 -6.11
N THR A 14 -3.02 -18.17 -7.18
CA THR A 14 -2.85 -16.96 -8.01
C THR A 14 -4.13 -16.55 -8.67
N GLN A 15 -4.94 -17.52 -9.09
CA GLN A 15 -6.25 -17.18 -9.66
C GLN A 15 -7.12 -16.41 -8.67
N LYS A 16 -7.12 -16.88 -7.43
CA LYS A 16 -7.90 -16.23 -6.35
C LYS A 16 -7.39 -14.83 -6.08
N LEU A 17 -6.08 -14.67 -6.03
CA LEU A 17 -5.48 -13.33 -5.84
C LEU A 17 -5.94 -12.36 -6.92
N ILE A 18 -5.79 -12.81 -8.17
CA ILE A 18 -6.13 -11.96 -9.31
C ILE A 18 -7.61 -11.67 -9.34
N THR A 19 -8.43 -12.66 -9.02
CA THR A 19 -9.88 -12.41 -8.84
C THR A 19 -10.12 -11.32 -7.76
N ASN A 20 -9.45 -11.45 -6.62
CA ASN A 20 -9.69 -10.55 -5.48
C ASN A 20 -9.29 -9.11 -5.80
N ILE A 21 -8.15 -8.91 -6.46
CA ILE A 21 -7.57 -7.58 -6.54
C ILE A 21 -8.17 -6.76 -7.65
N PHE A 22 -8.91 -7.41 -8.57
CA PHE A 22 -9.68 -6.72 -9.59
C PHE A 22 -11.20 -6.83 -9.36
N SER A 23 -11.63 -7.34 -8.21
CA SER A 23 -13.05 -7.58 -7.96
C SER A 23 -13.85 -6.29 -7.87
N LYS A 24 -14.90 -6.16 -8.66
CA LYS A 24 -15.73 -4.97 -8.57
C LYS A 24 -16.45 -4.84 -7.24
N GLU A 25 -16.90 -5.96 -6.68
CA GLU A 25 -17.42 -5.98 -5.32
C GLU A 25 -16.42 -5.41 -4.32
N MET A 26 -15.15 -5.86 -4.42
CA MET A 26 -14.11 -5.41 -3.52
C MET A 26 -13.96 -3.87 -3.60
N PHE A 27 -13.91 -3.38 -4.83
CA PHE A 27 -13.74 -1.96 -5.06
C PHE A 27 -14.91 -1.12 -4.51
N LYS A 28 -16.12 -1.55 -4.84
CA LYS A 28 -17.32 -0.91 -4.30
C LYS A 28 -17.42 -1.00 -2.76
N ASN A 29 -17.00 -2.14 -2.18
CA ASN A 29 -16.92 -2.32 -0.73
C ASN A 29 -16.00 -1.26 -0.15
N THR A 30 -14.82 -1.10 -0.77
CA THR A 30 -13.86 -0.14 -0.32
C THR A 30 -14.45 1.30 -0.37
N MET A 31 -15.11 1.64 -1.48
CA MET A 31 -15.74 2.94 -1.62
C MET A 31 -16.78 3.14 -0.51
N ALA A 32 -17.61 2.13 -0.26
CA ALA A 32 -18.60 2.23 0.84
C ALA A 32 -17.94 2.40 2.22
N LEU A 33 -16.81 1.72 2.46
CA LEU A 33 -16.11 1.85 3.68
C LEU A 33 -15.50 3.24 3.82
N MET A 34 -15.32 3.96 2.72
CA MET A 34 -14.75 5.32 2.79
C MET A 34 -15.87 6.35 2.71
N ASP A 35 -17.12 5.89 2.88
CA ASP A 35 -18.29 6.78 2.86
C ASP A 35 -18.62 7.37 1.50
N LEU A 36 -18.12 6.77 0.42
CA LEU A 36 -18.44 7.29 -0.91
C LEU A 36 -19.78 6.76 -1.40
N ASP A 37 -20.46 7.60 -2.19
CA ASP A 37 -21.73 7.22 -2.78
C ASP A 37 -21.51 6.45 -4.11
N VAL A 38 -21.49 5.13 -4.00
CA VAL A 38 -21.20 4.28 -5.15
C VAL A 38 -22.29 4.37 -6.26
N LYS A 39 -23.54 4.61 -5.85
CA LYS A 39 -24.63 4.81 -6.83
C LYS A 39 -24.40 6.02 -7.73
N LYS A 40 -23.87 7.12 -7.18
CA LYS A 40 -23.57 8.32 -7.96
C LYS A 40 -22.15 8.37 -8.51
N MET A 41 -21.29 7.43 -8.07
CA MET A 41 -19.90 7.31 -8.53
C MET A 41 -19.61 5.88 -8.84
N PRO A 42 -20.26 5.33 -9.90
CA PRO A 42 -19.95 3.94 -10.23
C PRO A 42 -18.50 3.80 -10.76
N LEU A 43 -18.01 2.57 -10.71
CA LEU A 43 -16.63 2.30 -11.04
C LEU A 43 -16.27 2.74 -12.45
N GLY A 44 -17.15 2.44 -13.38
CA GLY A 44 -16.96 2.80 -14.77
C GLY A 44 -17.07 4.28 -15.03
N LYS A 45 -17.57 5.05 -14.08
CA LYS A 45 -17.70 6.51 -14.25
C LYS A 45 -16.54 7.28 -13.62
N LEU A 46 -15.77 6.65 -12.73
CA LEU A 46 -14.59 7.29 -12.11
C LEU A 46 -13.64 7.80 -13.16
N SER A 47 -13.22 9.05 -13.03
CA SER A 47 -12.25 9.62 -13.95
C SER A 47 -11.09 10.28 -13.25
N LYS A 48 -9.97 10.33 -13.96
CA LYS A 48 -8.82 11.07 -13.48
C LYS A 48 -9.13 12.56 -13.25
N GLN A 49 -9.88 13.16 -14.17
CA GLN A 49 -10.31 14.55 -14.06
C GLN A 49 -11.16 14.79 -12.77
N GLN A 50 -12.08 13.89 -12.48
CA GLN A 50 -12.92 14.04 -11.28
C GLN A 50 -12.06 13.99 -10.02
N ILE A 51 -11.17 13.00 -9.98
CA ILE A 51 -10.22 12.88 -8.88
C ILE A 51 -9.33 14.13 -8.75
N ALA A 52 -8.85 14.65 -9.89
CA ALA A 52 -8.03 15.87 -9.87
C ALA A 52 -8.81 17.04 -9.32
N ARG A 53 -10.10 17.12 -9.64
CA ARG A 53 -10.95 18.19 -9.13
C ARG A 53 -11.14 18.05 -7.63
N GLY A 54 -11.22 16.80 -7.17
CA GLY A 54 -11.34 16.51 -5.74
C GLY A 54 -10.10 17.02 -5.00
N PHE A 55 -8.90 16.71 -5.52
CA PHE A 55 -7.67 17.25 -4.89
C PHE A 55 -7.63 18.80 -4.87
N GLU A 56 -8.02 19.43 -5.99
CA GLU A 56 -8.12 20.91 -6.05
C GLU A 56 -9.05 21.44 -4.96
N ALA A 57 -10.18 20.77 -4.72
CA ALA A 57 -11.11 21.26 -3.71
C ALA A 57 -10.48 21.12 -2.32
N LEU A 58 -9.68 20.06 -2.09
CA LEU A 58 -9.05 19.86 -0.79
C LEU A 58 -7.88 20.82 -0.60
N GLU A 59 -7.16 21.08 -1.69
CA GLU A 59 -6.14 22.13 -1.71
C GLU A 59 -6.70 23.50 -1.30
N ALA A 60 -7.89 23.85 -1.77
CA ALA A 60 -8.57 25.10 -1.39
C ALA A 60 -8.94 25.07 0.08
N LEU A 61 -9.46 23.92 0.56
CA LEU A 61 -9.78 23.73 1.98
C LEU A 61 -8.55 23.92 2.87
N GLU A 62 -7.41 23.40 2.45
CA GLU A 62 -6.18 23.45 3.22
C GLU A 62 -5.66 24.88 3.34
N GLU A 63 -5.81 25.64 2.26
CA GLU A 63 -5.41 27.05 2.29
C GLU A 63 -6.28 27.79 3.30
N ALA A 64 -7.60 27.51 3.27
CA ALA A 64 -8.55 28.14 4.20
C ALA A 64 -8.26 27.78 5.66
N LEU A 65 -7.81 26.55 5.89
CA LEU A 65 -7.45 26.09 7.23
C LEU A 65 -6.15 26.69 7.76
N LYS A 66 -5.28 27.18 6.88
CA LYS A 66 -4.09 27.95 7.26
C LYS A 66 -4.33 29.45 7.03
N ASP A 70 -9.18 36.81 5.80
CA ASP A 70 -9.21 36.40 4.40
C ASP A 70 -10.47 37.01 3.75
N GLY A 71 -11.64 36.76 4.36
CA GLY A 71 -12.92 36.99 3.69
C GLY A 71 -13.15 36.01 2.55
N GLY A 72 -12.44 34.88 2.57
CA GLY A 72 -12.60 33.84 1.55
C GLY A 72 -13.83 33.03 1.85
N GLN A 73 -14.09 32.00 1.04
CA GLN A 73 -15.18 31.08 1.29
C GLN A 73 -15.02 30.36 2.66
N SER A 74 -16.12 30.15 3.37
CA SER A 74 -16.10 29.38 4.63
C SER A 74 -15.69 27.92 4.40
N LEU A 75 -15.27 27.26 5.48
CA LEU A 75 -14.90 25.83 5.43
C LEU A 75 -16.14 25.06 4.96
N GLU A 76 -17.32 25.54 5.35
CA GLU A 76 -18.63 24.96 4.97
C GLU A 76 -18.89 24.95 3.47
N GLU A 77 -18.69 26.11 2.87
CA GLU A 77 -18.90 26.33 1.45
C GLU A 77 -17.87 25.51 0.66
N LEU A 78 -16.62 25.54 1.13
CA LEU A 78 -15.55 24.85 0.43
C LEU A 78 -15.73 23.32 0.55
N SER A 79 -16.22 22.88 1.71
CA SER A 79 -16.58 21.48 1.95
C SER A 79 -17.70 21.04 1.04
N SER A 80 -18.74 21.86 0.94
CA SER A 80 -19.85 21.61 0.04
C SER A 80 -19.37 21.42 -1.41
N HIS A 81 -18.45 22.27 -1.86
CA HIS A 81 -17.87 22.06 -3.18
C HIS A 81 -17.18 20.72 -3.28
N PHE A 82 -16.34 20.36 -2.30
CA PHE A 82 -15.69 19.03 -2.31
C PHE A 82 -16.74 17.91 -2.46
N TYR A 83 -17.79 18.00 -1.67
CA TYR A 83 -18.81 16.95 -1.64
C TYR A 83 -19.63 16.92 -2.92
N THR A 84 -19.68 18.03 -3.65
CA THR A 84 -20.31 18.02 -4.97
C THR A 84 -19.43 17.30 -5.97
N VAL A 85 -18.13 17.53 -5.90
CA VAL A 85 -17.19 16.91 -6.78
C VAL A 85 -17.04 15.42 -6.49
N ILE A 86 -17.02 15.05 -5.21
CA ILE A 86 -16.83 13.64 -4.80
C ILE A 86 -18.06 13.25 -3.95
N PRO A 87 -19.06 12.61 -4.58
CA PRO A 87 -20.29 12.28 -3.84
C PRO A 87 -20.05 11.30 -2.68
N HIS A 88 -20.57 11.66 -1.51
CA HIS A 88 -20.43 10.82 -0.31
C HIS A 88 -21.83 10.38 0.12
N ASN A 89 -21.88 9.31 0.91
CA ASN A 89 -23.15 8.80 1.45
C ASN A 89 -23.07 8.84 2.97
N PHE A 90 -23.99 9.61 3.55
CA PHE A 90 -24.14 9.64 5.01
C PHE A 90 -25.62 9.48 5.39
N GLY A 91 -26.24 8.44 4.88
CA GLY A 91 -27.66 8.18 5.08
C GLY A 91 -28.53 9.33 4.62
N HIS A 92 -28.14 10.00 3.53
CA HIS A 92 -28.88 11.17 3.07
C HIS A 92 -29.16 12.18 4.19
N SER A 93 -28.12 12.40 5.01
CA SER A 93 -27.99 13.57 5.86
C SER A 93 -26.89 14.41 5.24
N GLN A 94 -26.63 15.58 5.82
CA GLN A 94 -25.57 16.45 5.31
C GLN A 94 -24.23 15.81 5.60
N PRO A 95 -23.26 15.91 4.65
CA PRO A 95 -21.90 15.45 5.01
C PRO A 95 -21.24 16.49 5.90
N PRO A 96 -20.27 16.07 6.75
CA PRO A 96 -19.66 16.94 7.75
C PRO A 96 -18.57 17.86 7.16
N PRO A 97 -18.38 19.06 7.75
CA PRO A 97 -17.37 20.00 7.25
C PRO A 97 -15.94 19.50 7.49
N ILE A 98 -15.05 19.77 6.54
CA ILE A 98 -13.67 19.32 6.63
C ILE A 98 -12.90 20.46 7.31
N ASN A 99 -12.87 20.42 8.64
CA ASN A 99 -12.46 21.59 9.44
C ASN A 99 -11.30 21.35 10.41
N SER A 100 -10.53 20.28 10.19
CA SER A 100 -9.35 19.95 11.00
C SER A 100 -8.26 19.40 10.10
N PRO A 101 -7.00 19.48 10.53
CA PRO A 101 -5.92 18.88 9.75
C PRO A 101 -6.08 17.38 9.56
N GLU A 102 -6.52 16.70 10.62
CA GLU A 102 -6.72 15.27 10.63
C GLU A 102 -7.74 14.80 9.59
N LEU A 103 -8.84 15.52 9.50
CA LEU A 103 -9.90 15.21 8.56
C LEU A 103 -9.49 15.53 7.12
N LEU A 104 -8.84 16.67 6.94
CA LEU A 104 -8.29 17.01 5.65
C LEU A 104 -7.40 15.86 5.19
N GLN A 105 -6.49 15.41 6.05
CA GLN A 105 -5.59 14.33 5.63
C GLN A 105 -6.37 13.05 5.33
N ALA A 106 -7.44 12.77 6.09
CA ALA A 106 -8.29 11.60 5.89
C ALA A 106 -8.93 11.63 4.49
N LYS A 107 -9.41 12.79 4.09
CA LYS A 107 -9.95 12.97 2.75
C LYS A 107 -8.89 12.86 1.66
N LYS A 108 -7.71 13.39 1.90
CA LYS A 108 -6.60 13.18 0.92
C LYS A 108 -6.31 11.67 0.71
N ASP A 109 -6.24 10.94 1.82
CA ASP A 109 -6.02 9.50 1.83
C ASP A 109 -7.12 8.68 1.14
N MET A 110 -8.37 9.02 1.41
CA MET A 110 -9.50 8.48 0.64
C MET A 110 -9.26 8.73 -0.85
N LEU A 111 -9.00 9.96 -1.25
CA LEU A 111 -8.79 10.24 -2.69
C LEU A 111 -7.60 9.50 -3.29
N LEU A 112 -6.57 9.25 -2.50
CA LEU A 112 -5.41 8.45 -2.99
C LEU A 112 -5.79 6.98 -3.28
N VAL A 113 -6.58 6.42 -2.37
CA VAL A 113 -7.15 5.08 -2.58
C VAL A 113 -8.05 5.09 -3.82
N LEU A 114 -8.94 6.08 -3.94
CA LEU A 114 -9.85 6.16 -5.07
C LEU A 114 -9.09 6.28 -6.41
N ALA A 115 -7.98 7.01 -6.41
CA ALA A 115 -7.13 7.18 -7.59
C ALA A 115 -6.51 5.87 -8.01
N ASP A 116 -6.22 4.98 -7.06
CA ASP A 116 -5.71 3.68 -7.42
C ASP A 116 -6.81 2.71 -7.86
N ILE A 117 -8.02 2.89 -7.38
CA ILE A 117 -9.18 2.14 -7.90
C ILE A 117 -9.37 2.54 -9.36
N GLU A 118 -9.34 3.84 -9.64
CA GLU A 118 -9.46 4.32 -11.01
C GLU A 118 -8.35 3.77 -11.92
N LEU A 119 -7.14 3.65 -11.38
CA LEU A 119 -6.01 3.10 -12.11
C LEU A 119 -6.32 1.68 -12.54
N ALA A 120 -6.75 0.84 -11.58
CA ALA A 120 -7.18 -0.52 -11.87
C ALA A 120 -8.30 -0.54 -12.94
N GLN A 121 -9.23 0.40 -12.90
CA GLN A 121 -10.27 0.41 -13.95
C GLN A 121 -9.68 0.75 -15.33
N ALA A 122 -8.83 1.78 -15.39
CA ALA A 122 -8.21 2.22 -16.66
C ALA A 122 -7.37 1.08 -17.23
N LEU A 123 -6.71 0.35 -16.35
CA LEU A 123 -5.85 -0.72 -16.76
C LEU A 123 -6.64 -1.79 -17.49
N GLN A 124 -7.85 -2.03 -17.04
CA GLN A 124 -8.72 -3.04 -17.59
C GLN A 124 -9.40 -2.68 -18.92
N ALA A 125 -9.34 -1.42 -19.34
CA ALA A 125 -9.84 -1.02 -20.68
C ALA A 125 -9.38 -2.01 -21.76
N VAL A 126 -10.28 -2.44 -22.63
CA VAL A 126 -9.93 -3.41 -23.68
C VAL A 126 -9.29 -2.71 -24.88
N SER A 127 -8.06 -3.13 -25.23
CA SER A 127 -7.31 -2.51 -26.32
C SER A 127 -7.87 -2.97 -27.67
N GLU A 128 -7.53 -2.26 -28.74
CA GLU A 128 -8.02 -2.62 -30.09
C GLU A 128 -7.36 -3.91 -30.65
N GLN A 129 -6.08 -4.15 -30.33
CA GLN A 129 -5.46 -5.43 -30.69
C GLN A 129 -6.31 -6.60 -30.16
N GLU A 130 -6.70 -6.49 -28.89
CA GLU A 130 -7.51 -7.53 -28.25
C GLU A 130 -8.88 -7.68 -28.89
N LYS A 131 -9.39 -6.60 -29.50
CA LYS A 131 -10.65 -6.68 -30.25
C LYS A 131 -10.49 -7.40 -31.61
N THR A 132 -9.26 -7.43 -32.13
CA THR A 132 -8.99 -8.05 -33.44
C THR A 132 -8.45 -9.51 -33.45
N VAL A 133 -7.69 -9.94 -32.43
CA VAL A 133 -7.18 -11.33 -32.35
C VAL A 133 -8.35 -12.32 -32.21
N GLU A 134 -8.20 -13.52 -32.77
CA GLU A 134 -9.33 -14.49 -32.75
C GLU A 134 -9.35 -15.42 -31.54
N GLU A 135 -8.34 -15.36 -30.70
CA GLU A 135 -8.32 -16.08 -29.44
C GLU A 135 -7.85 -15.11 -28.34
N VAL A 136 -8.50 -15.17 -27.19
CA VAL A 136 -8.17 -14.34 -26.08
C VAL A 136 -7.68 -15.20 -24.91
N PRO A 137 -6.80 -14.62 -24.07
CA PRO A 137 -6.45 -15.34 -22.86
C PRO A 137 -7.65 -15.49 -21.94
N HIS A 138 -7.57 -16.46 -21.07
CA HIS A 138 -8.55 -16.53 -20.00
C HIS A 138 -8.56 -15.18 -19.24
N PRO A 139 -9.74 -14.72 -18.80
CA PRO A 139 -9.79 -13.40 -18.16
C PRO A 139 -8.79 -13.22 -17.02
N LEU A 140 -8.50 -14.28 -16.27
CA LEU A 140 -7.57 -14.14 -15.17
C LEU A 140 -6.12 -14.03 -15.67
N ASP A 141 -5.77 -14.79 -16.71
CA ASP A 141 -4.47 -14.54 -17.40
C ASP A 141 -4.37 -13.14 -17.94
N ARG A 142 -5.45 -12.64 -18.51
CA ARG A 142 -5.45 -11.28 -19.06
C ARG A 142 -5.16 -10.28 -17.92
N ASP A 143 -5.91 -10.40 -16.83
CA ASP A 143 -5.74 -9.48 -15.71
C ASP A 143 -4.34 -9.60 -15.12
N TYR A 144 -3.81 -10.81 -14.96
CA TYR A 144 -2.41 -10.97 -14.48
C TYR A 144 -1.39 -10.23 -15.40
N GLN A 145 -1.56 -10.44 -16.71
CA GLN A 145 -0.69 -9.83 -17.74
C GLN A 145 -0.68 -8.30 -17.71
N LEU A 146 -1.83 -7.68 -17.50
CA LEU A 146 -1.93 -6.22 -17.35
C LEU A 146 -1.04 -5.61 -16.26
N LEU A 147 -0.76 -6.38 -15.21
CA LEU A 147 0.05 -5.89 -14.10
C LEU A 147 1.48 -5.62 -14.55
N LYS A 148 1.93 -6.31 -15.58
CA LYS A 148 3.34 -6.31 -15.99
C LYS A 148 4.26 -6.55 -14.79
N CYS A 149 3.90 -7.57 -14.01
CA CYS A 149 4.56 -7.89 -12.74
C CYS A 149 4.59 -9.40 -12.61
N GLN A 150 5.76 -10.00 -12.45
CA GLN A 150 5.85 -11.44 -12.28
C GLN A 150 5.60 -11.88 -10.83
N LEU A 151 4.70 -12.85 -10.67
CA LEU A 151 4.40 -13.40 -9.38
C LEU A 151 4.73 -14.86 -9.44
N GLN A 152 5.46 -15.36 -8.45
CA GLN A 152 5.69 -16.80 -8.34
C GLN A 152 5.30 -17.24 -6.94
N LEU A 153 4.32 -18.13 -6.89
CA LEU A 153 3.86 -18.76 -5.65
C LEU A 153 4.97 -19.61 -5.07
N LEU A 154 5.24 -19.44 -3.77
CA LEU A 154 6.30 -20.18 -3.12
C LEU A 154 5.72 -21.36 -2.40
N ASP A 155 6.43 -22.48 -2.36
CA ASP A 155 6.04 -23.54 -1.43
C ASP A 155 6.95 -23.64 -0.24
N SER A 156 6.57 -24.57 0.64
CA SER A 156 7.02 -24.63 2.03
C SER A 156 8.51 -24.67 2.17
N GLY A 157 9.17 -25.23 1.15
CA GLY A 157 10.60 -25.35 1.11
C GLY A 157 11.34 -24.45 0.10
N ALA A 158 10.74 -23.33 -0.31
CA ALA A 158 11.51 -22.21 -0.85
C ALA A 158 12.50 -21.73 0.27
N PRO A 159 13.72 -21.33 -0.11
CA PRO A 159 14.71 -20.95 0.88
C PRO A 159 14.27 -19.87 1.87
N GLU A 160 13.47 -18.92 1.42
CA GLU A 160 13.07 -17.82 2.26
C GLU A 160 11.77 -18.10 3.03
N TYR A 161 11.12 -19.25 2.82
CA TYR A 161 9.75 -19.41 3.30
C TYR A 161 9.65 -19.33 4.83
N LYS A 162 10.46 -20.15 5.49
CA LYS A 162 10.56 -20.19 6.97
C LYS A 162 11.07 -18.91 7.61
N VAL A 163 11.99 -18.26 6.93
CA VAL A 163 12.41 -16.93 7.37
C VAL A 163 11.23 -15.93 7.35
N ILE A 164 10.42 -15.94 6.29
CA ILE A 164 9.25 -15.03 6.19
C ILE A 164 8.18 -15.36 7.23
N GLN A 165 7.93 -16.66 7.38
CA GLN A 165 6.92 -17.16 8.28
C GLN A 165 7.34 -16.76 9.70
N THR A 166 8.62 -16.87 10.02
CA THR A 166 9.15 -16.51 11.32
C THR A 166 9.03 -15.01 11.58
N TYR A 167 9.33 -14.20 10.57
CA TYR A 167 9.15 -12.74 10.66
C TYR A 167 7.69 -12.39 11.00
N LEU A 168 6.76 -13.04 10.28
CA LEU A 168 5.34 -12.80 10.48
C LEU A 168 4.92 -13.21 11.88
N GLU A 169 5.27 -14.41 12.29
CA GLU A 169 4.85 -14.96 13.53
C GLU A 169 5.46 -14.25 14.73
N GLN A 170 6.73 -13.92 14.67
CA GLN A 170 7.39 -13.36 15.82
C GLN A 170 7.05 -11.89 16.00
N THR A 171 6.66 -11.19 14.94
CA THR A 171 6.37 -9.78 15.08
C THR A 171 4.91 -9.41 14.86
N GLY A 172 4.05 -10.39 14.58
CA GLY A 172 2.62 -10.15 14.49
C GLY A 172 1.92 -10.11 15.86
N SER A 173 0.63 -9.81 15.90
CA SER A 173 -0.10 -9.71 17.20
C SER A 173 0.14 -10.93 18.06
N ASN A 174 0.25 -10.76 19.38
CA ASN A 174 0.46 -11.94 20.23
C ASN A 174 -0.78 -12.82 20.36
N HIS A 175 -1.95 -12.22 20.40
CA HIS A 175 -3.17 -12.99 20.68
C HIS A 175 -3.91 -13.51 19.44
N ARG A 176 -3.92 -12.69 18.37
CA ARG A 176 -4.61 -13.00 17.11
C ARG A 176 -3.67 -12.77 15.89
N CYS A 177 -2.60 -13.55 15.81
CA CYS A 177 -1.63 -13.38 14.74
C CYS A 177 -2.28 -13.67 13.39
N PRO A 178 -2.03 -12.84 12.37
CA PRO A 178 -2.59 -13.22 11.07
C PRO A 178 -2.08 -14.60 10.64
N THR A 179 -2.94 -15.41 10.04
CA THR A 179 -2.58 -16.73 9.54
C THR A 179 -2.09 -16.68 8.10
N LEU A 180 -0.89 -17.16 7.90
CA LEU A 180 -0.29 -17.17 6.57
C LEU A 180 -0.95 -18.21 5.68
N GLN A 181 -1.48 -17.79 4.53
CA GLN A 181 -2.01 -18.73 3.53
C GLN A 181 -1.04 -18.94 2.37
N HIS A 182 -0.59 -17.85 1.73
CA HIS A 182 0.33 -17.97 0.61
C HIS A 182 1.37 -16.87 0.60
N ILE A 183 2.53 -17.16 0.01
CA ILE A 183 3.53 -16.16 -0.26
C ILE A 183 3.86 -16.23 -1.72
N TRP A 184 3.86 -15.07 -2.38
CA TRP A 184 4.38 -14.96 -3.72
C TRP A 184 5.68 -14.13 -3.73
N LYS A 185 6.66 -14.54 -4.54
CA LYS A 185 7.78 -13.68 -4.86
C LYS A 185 7.28 -12.71 -5.92
N VAL A 186 7.72 -11.46 -5.81
CA VAL A 186 7.25 -10.38 -6.66
C VAL A 186 8.45 -9.83 -7.40
N ASN A 187 8.34 -9.78 -8.73
CA ASN A 187 9.39 -9.20 -9.56
C ASN A 187 8.73 -8.21 -10.50
N GLN A 188 8.57 -6.97 -10.03
CA GLN A 188 8.07 -5.92 -10.90
C GLN A 188 9.30 -5.37 -11.60
N GLU A 189 9.53 -5.79 -12.84
CA GLU A 189 10.61 -5.19 -13.61
C GLU A 189 10.33 -3.73 -14.02
N GLY A 190 11.37 -2.93 -14.09
CA GLY A 190 11.17 -1.50 -14.21
C GLY A 190 11.41 -0.86 -12.86
N GLU A 191 11.25 -1.65 -11.79
CA GLU A 191 11.82 -1.30 -10.47
C GLU A 191 13.32 -1.60 -10.47
N GLU A 192 13.71 -2.66 -11.15
CA GLU A 192 15.08 -3.15 -11.10
C GLU A 192 16.14 -2.06 -11.37
N ASP A 193 15.94 -1.28 -12.42
CA ASP A 193 16.97 -0.33 -12.88
C ASP A 193 17.20 0.77 -11.84
N ARG A 194 16.13 1.40 -11.37
CA ARG A 194 16.22 2.47 -10.35
C ARG A 194 16.74 1.96 -9.00
N PHE A 195 16.35 0.74 -8.62
CA PHE A 195 16.86 0.12 -7.38
C PHE A 195 18.37 -0.20 -7.45
N GLN A 196 18.82 -0.64 -8.63
CA GLN A 196 20.27 -0.82 -8.90
C GLN A 196 21.08 0.47 -8.66
N ALA A 197 20.43 1.63 -8.84
CA ALA A 197 21.04 2.92 -8.51
C ALA A 197 21.64 2.96 -7.09
N HIS A 198 20.99 2.31 -6.11
CA HIS A 198 21.41 2.35 -4.69
C HIS A 198 22.22 1.13 -4.23
N SER A 199 22.76 0.36 -5.17
CA SER A 199 23.55 -0.84 -4.85
C SER A 199 24.81 -0.55 -3.97
N LYS A 200 25.30 0.68 -4.01
CA LYS A 200 26.40 1.09 -3.16
C LYS A 200 25.88 1.25 -1.71
N LEU A 201 24.66 1.80 -1.60
CA LEU A 201 23.97 2.02 -0.33
C LEU A 201 23.74 0.71 0.45
N GLY A 202 24.37 0.62 1.61
CA GLY A 202 24.21 -0.53 2.46
C GLY A 202 22.95 -0.38 3.29
N ASN A 203 22.96 -1.08 4.41
CA ASN A 203 21.85 -1.08 5.32
C ASN A 203 20.49 -1.38 4.65
N ARG A 204 20.39 -2.55 4.05
CA ARG A 204 19.12 -3.02 3.47
C ARG A 204 18.33 -3.78 4.49
N LYS A 205 17.02 -3.54 4.54
CA LYS A 205 16.13 -4.28 5.43
C LYS A 205 14.83 -4.68 4.75
N LEU A 206 14.37 -5.90 5.02
CA LEU A 206 13.08 -6.34 4.53
C LEU A 206 12.01 -5.89 5.54
N LEU A 207 11.03 -5.12 5.07
CA LEU A 207 10.09 -4.44 5.92
C LEU A 207 8.68 -4.61 5.42
N TRP A 208 7.74 -4.56 6.35
CA TRP A 208 6.33 -4.75 6.06
C TRP A 208 5.73 -3.49 5.51
N HIS A 209 4.81 -3.65 4.56
CA HIS A 209 3.95 -2.58 4.11
C HIS A 209 2.51 -3.19 3.97
N GLY A 210 1.60 -2.82 4.87
CA GLY A 210 0.22 -3.32 4.77
C GLY A 210 -0.62 -2.29 4.05
N THR A 211 -1.59 -2.68 3.24
CA THR A 211 -2.53 -1.78 2.57
C THR A 211 -3.98 -2.31 2.38
N ASN A 212 -4.86 -1.46 1.88
CA ASN A 212 -6.16 -1.77 1.35
C ASN A 212 -6.01 -2.78 0.21
N MET A 213 -6.90 -3.75 0.17
CA MET A 213 -6.93 -4.65 -0.93
C MET A 213 -7.06 -3.89 -2.28
N ALA A 214 -7.77 -2.79 -2.23
CA ALA A 214 -8.13 -1.98 -3.37
C ALA A 214 -6.94 -1.26 -4.01
N VAL A 215 -5.79 -1.25 -3.39
CA VAL A 215 -4.62 -0.62 -4.00
C VAL A 215 -3.55 -1.64 -4.41
N VAL A 216 -3.83 -2.93 -4.19
CA VAL A 216 -2.87 -3.97 -4.48
C VAL A 216 -2.59 -4.01 -6.00
N ALA A 217 -3.62 -3.93 -6.84
CA ALA A 217 -3.32 -3.96 -8.28
C ALA A 217 -2.41 -2.77 -8.71
N ALA A 218 -2.76 -1.59 -8.28
CA ALA A 218 -1.93 -0.42 -8.53
C ALA A 218 -0.49 -0.61 -8.08
N ILE A 219 -0.28 -1.14 -6.89
CA ILE A 219 1.07 -1.34 -6.38
C ILE A 219 1.83 -2.37 -7.23
N LEU A 220 1.16 -3.46 -7.59
CA LEU A 220 1.82 -4.44 -8.42
C LEU A 220 2.17 -3.86 -9.78
N THR A 221 1.37 -2.94 -10.28
CA THR A 221 1.63 -2.28 -11.56
C THR A 221 2.75 -1.20 -11.53
N SER A 222 2.81 -0.44 -10.44
CA SER A 222 3.62 0.78 -10.41
C SER A 222 4.57 0.89 -9.24
N GLY A 223 4.56 -0.10 -8.34
CA GLY A 223 5.40 -0.08 -7.16
C GLY A 223 4.86 0.82 -6.08
N LEU A 224 5.55 0.85 -4.94
CA LEU A 224 5.16 1.77 -3.86
C LEU A 224 5.54 3.19 -4.23
N ARG A 225 4.64 4.13 -3.97
CA ARG A 225 4.78 5.46 -4.57
C ARG A 225 4.61 6.52 -3.49
N ILE A 226 5.17 7.68 -3.75
CA ILE A 226 4.95 8.89 -2.96
C ILE A 226 4.16 9.83 -3.84
N MET A 227 2.99 10.24 -3.40
CA MET A 227 2.11 11.11 -4.21
C MET A 227 2.09 12.50 -3.59
N PRO A 228 1.75 13.53 -4.39
CA PRO A 228 1.82 14.91 -3.91
C PRO A 228 1.07 15.20 -2.58
N HIS A 229 0.01 14.46 -2.30
CA HIS A 229 -0.79 14.68 -1.10
C HIS A 229 -0.57 13.61 -0.01
N SER A 230 0.42 12.74 -0.22
CA SER A 230 0.85 11.73 0.78
C SER A 230 1.28 12.46 2.03
N GLY A 231 0.98 11.90 3.20
CA GLY A 231 1.49 12.45 4.44
C GLY A 231 1.19 11.52 5.58
N GLY A 232 1.42 11.99 6.81
CA GLY A 232 1.27 11.16 7.99
C GLY A 232 2.21 11.66 9.07
N ARG A 233 2.41 10.83 10.08
CA ARG A 233 3.12 11.27 11.29
C ARG A 233 4.59 11.58 11.04
N VAL A 234 5.11 11.11 9.89
CA VAL A 234 6.53 11.29 9.55
C VAL A 234 6.71 11.91 8.15
N GLY A 235 5.69 12.61 7.70
CA GLY A 235 5.74 13.32 6.45
C GLY A 235 5.46 12.56 5.16
N LYS A 236 6.01 13.10 4.09
CA LYS A 236 5.62 12.76 2.72
C LYS A 236 6.61 11.72 2.20
N GLY A 237 6.42 10.49 2.65
CA GLY A 237 7.26 9.41 2.18
C GLY A 237 6.50 8.11 2.00
N ILE A 238 7.24 7.01 1.90
CA ILE A 238 6.70 5.65 1.91
C ILE A 238 6.98 5.05 3.29
N TYR A 239 5.93 4.52 3.94
CA TYR A 239 5.95 4.02 5.29
C TYR A 239 6.03 2.50 5.33
N PHE A 240 6.95 2.01 6.15
CA PHE A 240 7.11 0.62 6.44
C PHE A 240 7.15 0.40 7.95
N ALA A 241 6.97 -0.83 8.36
CA ALA A 241 7.17 -1.24 9.75
C ALA A 241 8.05 -2.48 9.82
N SER A 242 8.80 -2.60 10.92
CA SER A 242 9.53 -3.85 11.20
C SER A 242 8.66 -4.84 12.00
N GLU A 243 7.56 -4.37 12.54
CA GLU A 243 6.62 -5.23 13.28
C GLU A 243 5.41 -5.45 12.41
N ASN A 244 5.15 -6.70 12.09
CA ASN A 244 3.97 -7.04 11.31
C ASN A 244 2.69 -6.46 11.88
N SER A 245 2.57 -6.48 13.21
CA SER A 245 1.37 -5.97 13.85
C SER A 245 1.09 -4.51 13.55
N LYS A 246 2.13 -3.69 13.38
CA LYS A 246 1.92 -2.29 13.01
C LYS A 246 1.35 -2.14 11.58
N SER A 247 2.01 -2.78 10.60
CA SER A 247 1.50 -2.80 9.24
C SER A 247 0.13 -3.45 9.09
N ALA A 248 -0.16 -4.48 9.88
CA ALA A 248 -1.45 -5.20 9.75
C ALA A 248 -2.64 -4.31 10.11
N GLY A 249 -2.38 -3.28 10.95
CA GLY A 249 -3.38 -2.25 11.26
C GLY A 249 -3.90 -1.49 10.05
N TYR A 250 -3.11 -1.45 8.97
CA TYR A 250 -3.50 -0.74 7.77
C TYR A 250 -4.09 -1.67 6.72
N VAL A 251 -4.20 -2.95 7.04
CA VAL A 251 -4.72 -3.94 6.13
C VAL A 251 -6.19 -3.91 6.24
N ILE A 252 -6.80 -3.58 5.12
CA ILE A 252 -8.23 -3.68 4.98
C ILE A 252 -8.44 -4.95 4.13
N GLY A 253 -8.93 -5.97 4.86
CA GLY A 253 -9.26 -7.23 4.29
C GLY A 253 -10.71 -7.18 3.88
N MET A 254 -11.16 -8.30 3.32
CA MET A 254 -12.54 -8.44 2.84
C MET A 254 -13.03 -9.81 3.33
N LYS A 255 -14.27 -9.83 3.83
CA LYS A 255 -14.95 -11.08 4.18
C LYS A 255 -15.20 -11.93 2.94
N CYS A 256 -14.68 -13.15 2.95
CA CYS A 256 -14.89 -14.13 1.86
C CYS A 256 -15.25 -15.45 2.51
N GLY A 257 -16.47 -15.92 2.22
CA GLY A 257 -16.98 -17.10 2.89
C GLY A 257 -16.92 -16.85 4.40
N ALA A 258 -16.38 -17.82 5.13
CA ALA A 258 -16.37 -17.75 6.59
C ALA A 258 -15.18 -16.99 7.19
N HIS A 259 -14.25 -16.54 6.34
CA HIS A 259 -13.03 -15.86 6.81
C HIS A 259 -12.84 -14.46 6.19
N HIS A 260 -11.73 -13.85 6.54
CA HIS A 260 -11.46 -12.46 6.28
C HIS A 260 -10.10 -12.44 5.57
N VAL A 261 -10.05 -12.05 4.30
CA VAL A 261 -8.81 -12.21 3.51
C VAL A 261 -8.09 -10.88 3.41
N GLY A 262 -6.79 -10.89 3.67
CA GLY A 262 -5.95 -9.68 3.52
C GLY A 262 -4.59 -9.95 2.87
N TYR A 263 -4.01 -8.90 2.33
CA TYR A 263 -2.71 -8.94 1.62
C TYR A 263 -1.74 -7.95 2.21
N MET A 264 -0.47 -8.37 2.36
CA MET A 264 0.58 -7.51 2.92
C MET A 264 1.80 -7.67 2.05
N PHE A 265 2.59 -6.62 1.89
CA PHE A 265 3.84 -6.74 1.16
C PHE A 265 5.07 -6.78 2.07
N LEU A 266 6.14 -7.37 1.55
CA LEU A 266 7.45 -7.22 2.09
C LEU A 266 8.30 -6.53 1.00
N GLY A 267 8.90 -5.41 1.37
CA GLY A 267 9.81 -4.70 0.47
C GLY A 267 11.23 -4.69 1.00
N GLU A 268 12.18 -4.75 0.06
CA GLU A 268 13.56 -4.52 0.39
C GLU A 268 13.79 -3.02 0.33
N VAL A 269 14.24 -2.48 1.46
CA VAL A 269 14.38 -1.05 1.58
C VAL A 269 15.89 -0.75 1.86
N ALA A 270 16.49 0.09 1.02
CA ALA A 270 17.85 0.55 1.13
C ALA A 270 17.80 1.75 2.03
N LEU A 271 18.02 1.52 3.31
CA LEU A 271 17.81 2.58 4.32
C LEU A 271 19.02 3.52 4.43
N GLY A 272 20.19 2.99 4.09
CA GLY A 272 21.47 3.68 4.24
C GLY A 272 21.70 4.26 5.65
N ARG A 273 22.05 5.55 5.71
CA ARG A 273 22.33 6.22 6.99
C ARG A 273 21.02 6.71 7.59
N GLU A 274 20.69 6.13 8.73
CA GLU A 274 19.40 6.39 9.36
C GLU A 274 19.44 7.60 10.28
N HIS A 275 18.41 8.42 10.19
CA HIS A 275 18.12 9.45 11.14
C HIS A 275 16.94 9.00 12.00
N HIS A 276 17.19 8.89 13.31
CA HIS A 276 16.21 8.44 14.28
C HIS A 276 15.49 9.63 14.92
N ILE A 277 14.15 9.60 14.92
CA ILE A 277 13.36 10.59 15.62
C ILE A 277 12.50 9.94 16.68
N ASN A 278 12.05 10.75 17.64
CA ASN A 278 11.17 10.23 18.69
C ASN A 278 9.95 11.05 18.95
N THR A 279 9.64 11.97 18.05
CA THR A 279 8.41 12.71 18.10
C THR A 279 7.89 12.92 16.69
N ASP A 280 6.56 13.07 16.56
CA ASP A 280 5.92 13.21 15.22
C ASP A 280 6.43 14.44 14.45
N ASN A 281 6.66 14.27 13.16
CA ASN A 281 6.96 15.40 12.28
C ASN A 281 6.25 15.26 10.93
N PRO A 282 4.98 15.70 10.85
CA PRO A 282 4.21 15.55 9.61
C PRO A 282 4.71 16.37 8.46
N SER A 283 5.56 17.35 8.76
CA SER A 283 6.09 18.28 7.76
C SER A 283 7.33 17.80 6.98
N LEU A 284 7.87 16.63 7.30
CA LEU A 284 9.08 16.12 6.65
C LEU A 284 8.85 15.74 5.19
N LYS A 285 9.78 16.11 4.30
CA LYS A 285 9.72 15.69 2.89
C LYS A 285 11.00 14.99 2.45
N SER A 286 12.00 14.92 3.33
CA SER A 286 13.24 14.22 3.07
C SER A 286 13.94 14.01 4.40
N PRO A 287 14.97 13.13 4.45
CA PRO A 287 15.74 13.06 5.66
C PRO A 287 16.64 14.30 5.72
N PRO A 288 17.18 14.62 6.92
CA PRO A 288 18.18 15.70 6.96
C PRO A 288 19.39 15.43 6.08
N PRO A 289 20.15 16.49 5.78
CA PRO A 289 21.29 16.32 4.92
C PRO A 289 22.28 15.32 5.46
N GLY A 290 22.76 14.46 4.58
CA GLY A 290 23.64 13.37 4.97
C GLY A 290 22.96 12.07 5.42
N PHE A 291 21.64 12.04 5.43
CA PHE A 291 20.92 10.83 5.83
C PHE A 291 20.04 10.31 4.68
N ASP A 292 19.83 9.00 4.62
CA ASP A 292 19.08 8.38 3.51
C ASP A 292 17.65 7.93 3.92
N SER A 293 17.39 7.92 5.23
CA SER A 293 16.09 7.50 5.72
C SER A 293 15.82 8.15 7.08
N VAL A 294 14.57 8.11 7.49
CA VAL A 294 14.12 8.59 8.79
C VAL A 294 13.40 7.43 9.50
N ILE A 295 13.84 7.07 10.69
CA ILE A 295 13.15 6.05 11.47
C ILE A 295 12.52 6.69 12.70
N ALA A 296 11.17 6.72 12.72
CA ALA A 296 10.44 7.05 13.94
C ALA A 296 10.53 5.84 14.85
N ARG A 297 11.35 5.94 15.87
CA ARG A 297 11.73 4.79 16.68
C ARG A 297 10.67 4.50 17.73
N GLY A 298 10.20 3.26 17.75
CA GLY A 298 9.23 2.84 18.74
C GLY A 298 9.78 2.47 20.12
N HIS A 299 8.85 2.38 21.08
CA HIS A 299 9.18 1.78 22.42
C HIS A 299 9.80 0.40 22.28
N THR A 300 9.44 -0.30 21.19
CA THR A 300 9.89 -1.65 21.00
C THR A 300 10.53 -1.81 19.61
N GLU A 301 11.27 -2.90 19.44
CA GLU A 301 11.84 -3.27 18.18
C GLU A 301 12.02 -4.76 18.21
N PRO A 302 11.76 -5.45 17.07
CA PRO A 302 12.14 -6.86 17.00
C PRO A 302 13.59 -7.06 17.46
N ASP A 303 13.78 -7.97 18.43
CA ASP A 303 15.06 -8.20 19.07
C ASP A 303 16.20 -8.29 18.05
N PRO A 304 17.00 -7.24 17.91
CA PRO A 304 18.07 -7.24 16.91
C PRO A 304 19.03 -8.46 16.95
N THR A 305 19.16 -9.10 18.11
CA THR A 305 20.11 -10.21 18.25
C THR A 305 19.64 -11.40 17.46
N GLN A 306 18.36 -11.36 17.07
CA GLN A 306 17.81 -12.48 16.31
C GLN A 306 17.70 -12.16 14.81
N ASP A 307 18.22 -11.02 14.38
CA ASP A 307 18.15 -10.65 12.94
C ASP A 307 18.87 -11.70 12.18
N THR A 308 18.30 -12.11 11.06
CA THR A 308 19.03 -12.93 10.09
C THR A 308 19.18 -12.16 8.77
N GLU A 309 19.68 -12.82 7.74
CA GLU A 309 19.82 -12.19 6.44
C GLU A 309 19.30 -13.10 5.35
N LEU A 310 18.71 -12.51 4.34
CA LEU A 310 18.50 -13.18 3.06
C LEU A 310 19.45 -12.54 2.04
N GLU A 311 19.72 -13.29 0.98
CA GLU A 311 20.44 -12.83 -0.21
C GLU A 311 19.49 -12.64 -1.35
N LEU A 312 19.28 -11.38 -1.73
CA LEU A 312 18.38 -11.03 -2.82
C LEU A 312 19.17 -10.24 -3.88
N ASP A 313 19.17 -10.75 -5.11
CA ASP A 313 19.94 -10.22 -6.25
C ASP A 313 21.40 -9.98 -5.85
N GLY A 314 22.00 -10.98 -5.20
CA GLY A 314 23.35 -10.90 -4.67
C GLY A 314 23.66 -9.86 -3.60
N GLN A 315 22.65 -9.32 -2.90
CA GLN A 315 22.86 -8.39 -1.78
C GLN A 315 22.30 -9.04 -0.50
N GLN A 316 22.93 -8.76 0.64
CA GLN A 316 22.42 -9.15 1.93
C GLN A 316 21.32 -8.20 2.36
N VAL A 317 20.21 -8.76 2.82
CA VAL A 317 19.06 -7.98 3.28
C VAL A 317 18.75 -8.48 4.68
N VAL A 318 18.76 -7.56 5.65
CA VAL A 318 18.44 -7.96 7.02
C VAL A 318 16.93 -8.32 7.14
N VAL A 319 16.64 -9.46 7.79
CA VAL A 319 15.26 -9.80 8.09
C VAL A 319 15.14 -10.02 9.57
N PRO A 320 14.36 -9.19 10.23
CA PRO A 320 14.15 -9.49 11.67
C PRO A 320 13.47 -10.84 11.90
N GLN A 321 13.87 -11.54 12.96
CA GLN A 321 13.28 -12.79 13.37
C GLN A 321 12.87 -12.80 14.83
N GLY A 322 12.99 -11.67 15.56
CA GLY A 322 12.78 -11.69 17.02
C GLY A 322 11.45 -11.10 17.43
N GLN A 323 10.98 -11.48 18.61
CA GLN A 323 9.84 -10.80 19.20
C GLN A 323 10.25 -9.39 19.56
N PRO A 324 9.28 -8.49 19.67
CA PRO A 324 9.66 -7.13 19.96
C PRO A 324 10.17 -7.03 21.38
N VAL A 325 11.20 -6.23 21.60
CA VAL A 325 11.66 -5.94 22.97
C VAL A 325 11.77 -4.44 23.24
N PRO A 326 11.80 -4.04 24.52
CA PRO A 326 11.85 -2.58 24.80
C PRO A 326 13.20 -2.01 24.40
N CYS A 327 13.20 -0.80 23.86
CA CYS A 327 14.42 -0.08 23.58
C CYS A 327 14.50 1.09 24.56
N PRO A 328 15.32 0.97 25.60
CA PRO A 328 15.20 1.95 26.69
C PRO A 328 15.45 3.37 26.23
N GLU A 329 16.27 3.60 25.20
CA GLU A 329 16.53 4.95 24.72
C GLU A 329 15.30 5.57 24.09
N PHE A 330 14.34 4.75 23.68
CA PHE A 330 13.14 5.26 23.05
C PHE A 330 11.87 5.05 23.88
N SER A 331 12.03 4.80 25.19
CA SER A 331 10.87 4.62 26.10
C SER A 331 9.93 5.82 26.20
N SER A 332 10.43 7.02 25.91
CA SER A 332 9.61 8.21 25.90
C SER A 332 9.12 8.64 24.50
N SER A 333 9.38 7.79 23.48
CA SER A 333 8.99 8.15 22.12
C SER A 333 7.48 8.30 22.00
N THR A 334 7.08 9.23 21.13
CA THR A 334 5.69 9.36 20.79
C THR A 334 5.22 8.15 19.96
N PHE A 335 6.13 7.30 19.52
CA PHE A 335 5.78 6.09 18.72
C PHE A 335 5.86 4.80 19.54
N SER A 336 4.76 4.04 19.63
CA SER A 336 4.81 2.72 20.28
C SER A 336 5.61 1.72 19.47
N GLN A 337 5.43 1.76 18.14
CA GLN A 337 6.18 0.93 17.22
C GLN A 337 6.84 1.77 16.15
N SER A 338 7.93 1.26 15.59
CA SER A 338 8.74 2.04 14.66
C SER A 338 8.06 2.20 13.32
N GLU A 339 8.21 3.39 12.73
CA GLU A 339 7.81 3.67 11.34
C GLU A 339 9.06 4.01 10.56
N TYR A 340 9.31 3.26 9.50
CA TYR A 340 10.48 3.41 8.66
C TYR A 340 10.08 4.13 7.38
N LEU A 341 10.72 5.28 7.12
CA LEU A 341 10.40 6.18 6.04
C LEU A 341 11.57 6.34 5.04
N ILE A 342 11.23 6.19 3.77
CA ILE A 342 12.13 6.64 2.69
C ILE A 342 11.36 7.69 1.92
N TYR A 343 12.10 8.58 1.26
CA TYR A 343 11.49 9.73 0.60
C TYR A 343 11.87 9.75 -0.91
N GLN A 344 12.40 8.62 -1.38
CA GLN A 344 12.59 8.39 -2.81
C GLN A 344 12.01 7.00 -3.14
N GLU A 345 11.16 6.91 -4.14
CA GLU A 345 10.55 5.63 -4.49
C GLU A 345 11.60 4.60 -4.93
N SER A 346 12.73 5.06 -5.50
CA SER A 346 13.83 4.16 -5.86
C SER A 346 14.48 3.38 -4.73
N GLN A 347 14.30 3.78 -3.48
CA GLN A 347 14.95 3.05 -2.38
C GLN A 347 14.19 1.82 -1.87
N CYS A 348 13.08 1.45 -2.49
CA CYS A 348 12.34 0.25 -2.14
C CYS A 348 12.14 -0.59 -3.37
N ARG A 349 12.30 -1.91 -3.22
CA ARG A 349 11.90 -2.87 -4.24
C ARG A 349 10.93 -3.85 -3.63
N LEU A 350 9.75 -4.03 -4.24
CA LEU A 350 8.82 -5.07 -3.78
C LEU A 350 9.44 -6.44 -3.94
N ARG A 351 9.36 -7.27 -2.90
CA ARG A 351 9.93 -8.61 -2.94
C ARG A 351 8.94 -9.77 -2.72
N TYR A 352 8.01 -9.58 -1.79
CA TYR A 352 7.05 -10.61 -1.48
C TYR A 352 5.66 -10.00 -1.27
N LEU A 353 4.66 -10.81 -1.62
CA LEU A 353 3.25 -10.54 -1.32
C LEU A 353 2.71 -11.71 -0.53
N LEU A 354 1.99 -11.44 0.55
CA LEU A 354 1.48 -12.48 1.40
C LEU A 354 -0.01 -12.38 1.47
N GLU A 355 -0.66 -13.52 1.40
CA GLU A 355 -2.10 -13.58 1.71
C GLU A 355 -2.24 -14.08 3.14
N VAL A 356 -3.00 -13.37 3.95
CA VAL A 356 -3.18 -13.72 5.38
C VAL A 356 -4.68 -13.75 5.72
N HIS A 357 -5.08 -14.66 6.62
CA HIS A 357 -6.49 -14.77 7.04
C HIS A 357 -6.57 -14.43 8.54
#